data_5N1Y
#
_entry.id   5N1Y
#
_cell.length_a   55.210
_cell.length_b   79.480
_cell.length_c   58.200
_cell.angle_alpha   90.000
_cell.angle_beta   115.720
_cell.angle_gamma   90.000
#
_symmetry.space_group_name_H-M   'P 1 21 1'
#
loop_
_entity.id
_entity.type
_entity.pdbx_description
1 polymer 'HLA class I histocompatibility antigen, A-2 alpha chain'
2 polymer Beta-2-microglobulin
3 polymer MVWGPDPLYV
4 non-polymer 1,2-ETHANEDIOL
5 non-polymer GLYCEROL
6 water water
#
loop_
_entity_poly.entity_id
_entity_poly.type
_entity_poly.pdbx_seq_one_letter_code
_entity_poly.pdbx_strand_id
1 'polypeptide(L)'
;MGSHSMRYFFTSVSRPGRGEPRFIAVGYVDDTQFVRFDSDAASQRMEPRAPWIEQEGPEYWDGETRKVKAHSQTHRVDLG
TLRGYYNQSEAGSHTVQRMYGCDVGSDWRFLRGYHQYAYDGKDYIALKEDLRSWTAADMAAQTTKHKWEAAHVAEQLRAY
LEGTCVEWLRRYLENGKETLQRTDAPKTHMTHHAVSDHEATLRCWALSFYPAEITLTWQRDGEDQTQDTELVETRPAGDG
TFQKWAAVVVPSGQEQRYTCHVQHEGLPKPLTLRWEP
;
A
2 'polypeptide(L)'
;MIQRTPKIQVYSRHPAENGKSNFLNCYVSGFHPSDIEVDLLKNGERIEKVEHSDLSFSKDWSFYLLYYTEFTPTEKDEYA
CRVNHVTLSQPKIVKWDRDM
;
B
3 'polypeptide(L)' MVWGPDPLYV C
#
# COMPACT_ATOMS: atom_id res chain seq x y z
N MET A 1 16.23 -6.95 10.09
CA MET A 1 16.57 -6.50 8.68
C MET A 1 16.71 -4.95 8.38
N GLY A 2 17.90 -4.35 8.66
CA GLY A 2 18.19 -2.93 8.27
C GLY A 2 17.30 -1.97 9.08
N SER A 3 16.90 -0.92 8.45
CA SER A 3 16.01 0.07 9.08
C SER A 3 14.59 -0.50 9.08
N HIS A 4 13.76 0.06 9.92
CA HIS A 4 12.34 -0.40 10.06
C HIS A 4 11.46 0.77 10.32
N SER A 5 10.18 0.58 10.09
CA SER A 5 9.20 1.58 10.35
C SER A 5 7.89 1.05 10.91
N MET A 6 7.17 1.89 11.63
CA MET A 6 5.81 1.63 12.00
C MET A 6 4.96 2.76 11.53
N ARG A 7 3.87 2.44 10.86
CA ARG A 7 3.04 3.47 10.29
C ARG A 7 1.55 3.15 10.42
N TYR A 8 0.75 4.14 10.71
CA TYR A 8 -0.68 4.02 10.81
C TYR A 8 -1.33 4.88 9.72
N PHE A 9 -2.36 4.36 9.09
CA PHE A 9 -3.08 4.99 8.04
C PHE A 9 -4.53 5.04 8.39
N PHE A 10 -5.16 6.21 8.24
CA PHE A 10 -6.53 6.38 8.61
C PHE A 10 -7.27 7.04 7.46
N THR A 11 -8.44 6.55 7.12
CA THR A 11 -9.27 7.16 6.05
C THR A 11 -10.70 7.32 6.62
N SER A 12 -11.28 8.52 6.45
CA SER A 12 -12.68 8.70 6.75
C SER A 12 -13.38 9.29 5.55
N VAL A 13 -14.56 8.76 5.19
CA VAL A 13 -15.29 9.22 4.00
C VAL A 13 -16.70 9.55 4.45
N SER A 14 -17.14 10.79 4.24
CA SER A 14 -18.46 11.16 4.68
C SER A 14 -19.51 10.52 3.83
N ARG A 15 -20.66 10.33 4.44
N ARG A 15 -20.65 10.32 4.45
CA ARG A 15 -21.84 9.68 3.85
CA ARG A 15 -21.86 9.66 3.87
C ARG A 15 -23.00 10.66 4.01
C ARG A 15 -23.00 10.65 4.02
N PRO A 16 -23.14 11.58 3.07
CA PRO A 16 -24.13 12.66 3.18
C PRO A 16 -25.57 12.17 3.15
N GLY A 17 -25.87 11.04 2.54
CA GLY A 17 -27.24 10.59 2.48
C GLY A 17 -27.86 10.00 3.75
N ARG A 18 -26.95 9.35 4.51
CA ARG A 18 -27.37 8.74 5.77
C ARG A 18 -26.17 8.31 6.56
N GLY A 19 -26.16 8.68 7.84
CA GLY A 19 -25.25 8.11 8.80
C GLY A 19 -23.89 8.76 8.98
N GLU A 20 -23.00 8.07 9.63
CA GLU A 20 -21.65 8.54 9.97
C GLU A 20 -20.67 8.22 8.91
N PRO A 21 -19.50 8.80 8.91
CA PRO A 21 -18.50 8.54 7.90
C PRO A 21 -18.06 7.08 7.99
N ARG A 22 -17.62 6.51 6.86
CA ARG A 22 -16.94 5.27 6.88
C ARG A 22 -15.53 5.54 7.34
N PHE A 23 -15.00 4.71 8.23
CA PHE A 23 -13.68 4.92 8.78
C PHE A 23 -12.92 3.60 8.73
N ILE A 24 -11.70 3.65 8.17
CA ILE A 24 -10.82 2.50 8.08
C ILE A 24 -9.47 2.86 8.53
N ALA A 25 -8.92 2.13 9.54
CA ALA A 25 -7.58 2.33 10.01
C ALA A 25 -6.76 1.05 9.81
N VAL A 26 -5.52 1.19 9.39
CA VAL A 26 -4.61 0.07 9.25
C VAL A 26 -3.25 0.43 9.82
N GLY A 27 -2.60 -0.56 10.45
CA GLY A 27 -1.26 -0.38 10.92
C GLY A 27 -0.31 -1.31 10.26
N TYR A 28 0.91 -0.82 10.02
CA TYR A 28 2.01 -1.57 9.40
C TYR A 28 3.29 -1.53 10.19
N VAL A 29 3.97 -2.63 10.21
CA VAL A 29 5.41 -2.63 10.53
C VAL A 29 6.12 -2.96 9.20
N ASP A 30 6.96 -2.08 8.75
CA ASP A 30 7.56 -2.28 7.43
C ASP A 30 6.41 -2.48 6.40
N ASP A 31 6.50 -3.57 5.61
CA ASP A 31 5.45 -3.78 4.65
C ASP A 31 4.44 -4.82 5.12
N THR A 32 4.32 -5.09 6.42
CA THR A 32 3.46 -6.08 6.99
C THR A 32 2.28 -5.38 7.68
N GLN A 33 1.05 -5.54 7.24
CA GLN A 33 -0.11 -5.11 8.00
C GLN A 33 -0.29 -5.92 9.27
N PHE A 34 -0.52 -5.30 10.41
CA PHE A 34 -0.65 -6.03 11.61
C PHE A 34 -1.92 -5.82 12.43
N VAL A 35 -2.60 -4.71 12.16
CA VAL A 35 -3.88 -4.42 12.81
C VAL A 35 -4.78 -3.67 11.86
N ARG A 36 -6.11 -3.82 12.05
N ARG A 36 -6.06 -3.66 12.22
CA ARG A 36 -7.14 -3.06 11.28
CA ARG A 36 -6.99 -2.85 11.48
C ARG A 36 -8.23 -2.58 12.26
C ARG A 36 -8.25 -2.61 12.26
N PHE A 37 -8.91 -1.54 11.84
CA PHE A 37 -10.25 -1.21 12.38
C PHE A 37 -11.08 -0.82 11.18
N ASP A 38 -12.30 -1.32 11.09
CA ASP A 38 -13.20 -0.89 10.03
C ASP A 38 -14.50 -0.60 10.67
N SER A 39 -15.01 0.62 10.56
CA SER A 39 -16.30 0.99 11.12
C SER A 39 -17.46 0.16 10.59
N ASP A 40 -17.35 -0.46 9.42
CA ASP A 40 -18.46 -1.27 8.85
C ASP A 40 -18.34 -2.75 9.30
N ALA A 41 -17.30 -3.11 10.04
CA ALA A 41 -17.14 -4.51 10.61
C ALA A 41 -17.94 -4.69 11.91
N ALA A 42 -18.27 -5.93 12.22
CA ALA A 42 -19.19 -6.20 13.35
C ALA A 42 -18.53 -6.06 14.69
N SER A 43 -17.23 -6.28 14.81
CA SER A 43 -16.63 -6.29 16.11
C SER A 43 -16.57 -4.92 16.74
N GLN A 44 -16.44 -3.86 15.96
CA GLN A 44 -16.17 -2.53 16.51
C GLN A 44 -14.97 -2.56 17.44
N ARG A 45 -13.99 -3.36 17.09
CA ARG A 45 -12.73 -3.42 17.82
C ARG A 45 -11.54 -3.29 16.88
N MET A 46 -10.41 -2.83 17.39
CA MET A 46 -9.12 -3.01 16.70
C MET A 46 -8.90 -4.50 16.64
N GLU A 47 -8.50 -5.02 15.44
CA GLU A 47 -8.36 -6.47 15.21
C GLU A 47 -6.97 -6.81 14.78
N PRO A 48 -6.48 -7.97 15.16
CA PRO A 48 -5.17 -8.40 14.74
C PRO A 48 -5.20 -8.86 13.27
N ARG A 49 -4.09 -8.65 12.55
N ARG A 49 -4.06 -8.68 12.58
CA ARG A 49 -3.90 -9.10 11.19
CA ARG A 49 -3.88 -9.11 11.23
C ARG A 49 -2.55 -9.89 11.03
C ARG A 49 -2.49 -9.73 11.01
N ALA A 50 -1.80 -10.04 12.08
CA ALA A 50 -0.51 -10.81 12.00
C ALA A 50 -0.43 -11.66 13.22
N PRO A 51 0.23 -12.83 13.11
CA PRO A 51 0.24 -13.70 14.24
C PRO A 51 0.94 -13.20 15.51
N TRP A 52 2.01 -12.46 15.36
CA TRP A 52 2.80 -11.94 16.43
C TRP A 52 2.17 -10.86 17.28
N ILE A 53 1.07 -10.27 16.82
CA ILE A 53 0.36 -9.28 17.63
C ILE A 53 -0.79 -9.95 18.40
N GLU A 54 -1.18 -11.19 18.07
CA GLU A 54 -2.28 -11.86 18.77
C GLU A 54 -2.01 -12.13 20.26
N GLN A 55 -0.77 -12.16 20.65
CA GLN A 55 -0.41 -12.37 22.03
C GLN A 55 -0.56 -11.17 22.92
N GLU A 56 -0.85 -9.98 22.36
CA GLU A 56 -1.09 -8.84 23.24
C GLU A 56 -2.39 -9.14 23.98
N GLY A 57 -2.42 -8.71 25.24
CA GLY A 57 -3.54 -8.96 26.10
C GLY A 57 -4.66 -7.96 25.98
N PRO A 58 -5.67 -8.16 26.83
CA PRO A 58 -6.89 -7.41 26.64
C PRO A 58 -6.74 -5.95 26.91
N GLU A 59 -5.85 -5.54 27.80
CA GLU A 59 -5.60 -4.12 28.02
C GLU A 59 -5.10 -3.43 26.74
N TYR A 60 -4.27 -4.14 26.02
CA TYR A 60 -3.78 -3.64 24.71
C TYR A 60 -4.91 -3.33 23.76
N TRP A 61 -5.74 -4.38 23.57
CA TRP A 61 -6.80 -4.28 22.54
C TRP A 61 -7.87 -3.27 22.98
N ASP A 62 -8.13 -3.20 24.28
CA ASP A 62 -9.11 -2.17 24.74
C ASP A 62 -8.54 -0.78 24.49
N GLY A 63 -7.24 -0.56 24.81
CA GLY A 63 -6.62 0.74 24.62
C GLY A 63 -6.62 1.14 23.16
N GLU A 64 -6.20 0.23 22.26
CA GLU A 64 -6.15 0.48 20.87
C GLU A 64 -7.54 0.80 20.34
N THR A 65 -8.55 0.03 20.81
CA THR A 65 -9.91 0.29 20.33
C THR A 65 -10.35 1.68 20.77
N ARG A 66 -10.14 2.01 22.04
N ARG A 66 -10.14 2.03 22.04
CA ARG A 66 -10.53 3.33 22.52
CA ARG A 66 -10.56 3.36 22.50
C ARG A 66 -9.89 4.42 21.69
C ARG A 66 -9.89 4.45 21.67
N LYS A 67 -8.59 4.34 21.47
CA LYS A 67 -7.89 5.38 20.74
C LYS A 67 -8.32 5.48 19.29
N VAL A 68 -8.48 4.36 18.59
N VAL A 68 -8.49 4.36 18.60
CA VAL A 68 -8.85 4.42 17.20
CA VAL A 68 -8.89 4.43 17.22
C VAL A 68 -10.31 4.90 17.06
C VAL A 68 -10.33 4.92 17.07
N LYS A 69 -11.20 4.61 18.00
CA LYS A 69 -12.56 5.22 17.97
C LYS A 69 -12.44 6.72 18.14
N ALA A 70 -11.56 7.18 19.00
CA ALA A 70 -11.37 8.64 19.17
C ALA A 70 -10.85 9.28 17.94
N HIS A 71 -9.95 8.63 17.21
CA HIS A 71 -9.52 9.13 15.90
C HIS A 71 -10.74 9.29 14.93
N SER A 72 -11.59 8.23 14.95
CA SER A 72 -12.74 8.27 14.05
C SER A 72 -13.68 9.47 14.35
N GLN A 73 -13.88 9.79 15.60
CA GLN A 73 -14.67 10.92 15.98
C GLN A 73 -14.02 12.25 15.64
N THR A 74 -12.70 12.34 15.84
CA THR A 74 -12.01 13.54 15.36
C THR A 74 -12.18 13.76 13.90
N HIS A 75 -12.03 12.70 13.08
CA HIS A 75 -12.20 12.85 11.65
C HIS A 75 -13.64 13.22 11.34
N ARG A 76 -14.64 12.68 12.06
CA ARG A 76 -16.00 13.13 11.79
C ARG A 76 -16.16 14.61 11.98
N VAL A 77 -15.65 15.12 13.10
CA VAL A 77 -15.70 16.57 13.39
C VAL A 77 -14.99 17.33 12.29
N ASP A 78 -13.82 16.86 11.91
CA ASP A 78 -13.04 17.56 10.89
C ASP A 78 -13.73 17.64 9.52
N LEU A 79 -14.39 16.56 9.09
CA LEU A 79 -15.19 16.58 7.86
C LEU A 79 -16.20 17.72 7.87
N GLY A 80 -16.86 17.89 9.01
CA GLY A 80 -17.76 19.00 9.19
C GLY A 80 -17.13 20.34 9.18
N THR A 81 -16.03 20.49 9.89
CA THR A 81 -15.29 21.79 9.94
C THR A 81 -14.73 22.17 8.58
N LEU A 82 -14.19 21.17 7.86
CA LEU A 82 -13.63 21.42 6.55
C LEU A 82 -14.66 21.76 5.49
N ARG A 83 -15.86 21.16 5.52
N ARG A 83 -15.87 21.17 5.53
CA ARG A 83 -16.90 21.50 4.56
CA ARG A 83 -16.92 21.46 4.54
C ARG A 83 -17.06 23.02 4.72
C ARG A 83 -17.34 22.93 4.75
N GLY A 84 -17.09 23.46 5.96
CA GLY A 84 -17.20 24.91 6.30
C GLY A 84 -16.03 25.78 5.95
N TYR A 85 -14.80 25.43 6.28
CA TYR A 85 -13.59 26.21 5.87
C TYR A 85 -13.63 26.36 4.35
N TYR A 86 -14.12 25.35 3.57
CA TYR A 86 -14.16 25.39 2.10
C TYR A 86 -15.47 25.81 1.44
N ASN A 87 -16.46 26.11 2.24
CA ASN A 87 -17.77 26.52 1.70
C ASN A 87 -18.47 25.51 0.72
N GLN A 88 -18.43 24.21 1.07
CA GLN A 88 -18.93 23.14 0.19
C GLN A 88 -20.34 22.70 0.56
N SER A 89 -21.02 22.11 -0.41
CA SER A 89 -22.43 21.69 -0.19
C SER A 89 -22.46 20.62 0.93
N GLU A 90 -23.58 20.46 1.60
CA GLU A 90 -23.82 19.30 2.44
C GLU A 90 -24.07 17.99 1.66
N ALA A 91 -24.23 18.08 0.35
CA ALA A 91 -24.62 16.96 -0.46
C ALA A 91 -23.54 15.99 -0.91
N GLY A 92 -22.29 16.43 -0.90
CA GLY A 92 -21.24 15.64 -1.47
C GLY A 92 -20.47 14.88 -0.42
N SER A 93 -19.86 13.80 -0.82
CA SER A 93 -19.00 13.04 0.06
C SER A 93 -17.59 13.59 -0.06
N HIS A 94 -16.88 13.64 1.05
CA HIS A 94 -15.50 14.12 1.12
C HIS A 94 -14.66 13.17 1.99
N THR A 95 -13.37 13.32 1.88
CA THR A 95 -12.42 12.39 2.46
C THR A 95 -11.35 13.09 3.33
N VAL A 96 -11.07 12.54 4.48
N VAL A 96 -11.07 12.57 4.49
CA VAL A 96 -9.96 12.92 5.31
CA VAL A 96 -9.88 12.95 5.21
C VAL A 96 -9.00 11.69 5.32
C VAL A 96 -9.03 11.73 5.38
N GLN A 97 -7.72 11.95 5.20
CA GLN A 97 -6.71 10.90 5.34
C GLN A 97 -5.60 11.39 6.30
N ARG A 98 -5.11 10.49 7.17
CA ARG A 98 -4.05 10.85 8.09
C ARG A 98 -3.08 9.70 8.08
N MET A 99 -1.82 9.96 8.14
CA MET A 99 -0.78 8.92 8.27
C MET A 99 0.27 9.42 9.21
N TYR A 100 0.66 8.63 10.17
CA TYR A 100 1.78 8.96 11.00
C TYR A 100 2.61 7.77 11.38
N GLY A 101 3.82 8.03 11.89
CA GLY A 101 4.65 6.88 12.29
C GLY A 101 6.08 7.28 12.47
N CYS A 102 6.91 6.26 12.64
CA CYS A 102 8.30 6.47 12.95
C CYS A 102 9.13 5.51 12.18
N ASP A 103 10.33 5.92 11.91
CA ASP A 103 11.42 5.08 11.34
C ASP A 103 12.51 4.92 12.40
N VAL A 104 13.10 3.75 12.41
CA VAL A 104 14.33 3.48 13.21
C VAL A 104 15.40 2.95 12.29
N GLY A 105 16.64 3.22 12.64
CA GLY A 105 17.72 2.71 11.86
C GLY A 105 18.05 1.26 12.15
N SER A 106 19.15 0.80 11.61
CA SER A 106 19.58 -0.59 11.80
C SER A 106 19.90 -0.86 13.26
N ASP A 107 20.19 0.20 13.98
CA ASP A 107 20.47 0.11 15.45
C ASP A 107 19.13 0.11 16.25
N TRP A 108 17.97 0.15 15.60
CA TRP A 108 16.68 0.18 16.17
C TRP A 108 16.48 1.43 17.02
N ARG A 109 17.17 2.49 16.71
CA ARG A 109 17.00 3.78 17.42
C ARG A 109 16.35 4.78 16.48
N PHE A 110 15.65 5.74 17.06
CA PHE A 110 14.89 6.68 16.33
C PHE A 110 15.68 7.38 15.23
N LEU A 111 15.07 7.40 14.05
CA LEU A 111 15.65 8.05 12.85
C LEU A 111 14.79 9.23 12.46
N ARG A 112 13.47 9.02 12.33
CA ARG A 112 12.61 10.14 11.88
C ARG A 112 11.18 9.83 12.25
N GLY A 113 10.37 10.86 12.37
CA GLY A 113 8.95 10.78 12.64
C GLY A 113 8.19 11.61 11.62
N TYR A 114 6.90 11.31 11.53
CA TYR A 114 6.07 12.03 10.58
C TYR A 114 4.63 11.95 10.97
N HIS A 115 3.86 12.96 10.47
CA HIS A 115 2.45 13.07 10.67
C HIS A 115 1.91 13.92 9.54
N GLN A 116 1.09 13.39 8.69
CA GLN A 116 0.58 14.11 7.52
C GLN A 116 -0.92 13.93 7.53
N TYR A 117 -1.64 14.97 7.04
CA TYR A 117 -3.06 15.02 6.95
C TYR A 117 -3.45 15.58 5.60
N ALA A 118 -4.49 15.01 5.02
CA ALA A 118 -5.00 15.45 3.71
C ALA A 118 -6.48 15.54 3.75
N TYR A 119 -7.06 16.48 2.96
CA TYR A 119 -8.44 16.64 2.72
C TYR A 119 -8.68 16.52 1.22
N ASP A 120 -9.64 15.68 0.87
CA ASP A 120 -9.96 15.38 -0.57
C ASP A 120 -8.74 15.00 -1.39
N GLY A 121 -7.82 14.28 -0.77
CA GLY A 121 -6.70 13.80 -1.53
C GLY A 121 -5.55 14.76 -1.75
N LYS A 122 -5.59 15.93 -1.14
N LYS A 122 -5.61 15.91 -1.09
CA LYS A 122 -4.47 16.86 -1.25
CA LYS A 122 -4.63 16.96 -1.24
C LYS A 122 -3.95 17.17 0.12
C LYS A 122 -4.00 17.27 0.12
N ASP A 123 -2.69 17.58 0.15
CA ASP A 123 -2.04 17.94 1.41
C ASP A 123 -2.83 19.04 2.08
N TYR A 124 -2.98 18.88 3.38
CA TYR A 124 -3.64 19.89 4.23
C TYR A 124 -2.59 20.41 5.20
N ILE A 125 -2.16 19.62 6.20
CA ILE A 125 -1.14 20.03 7.15
C ILE A 125 -0.22 18.87 7.48
N ALA A 126 1.03 19.11 7.71
CA ALA A 126 2.03 18.05 7.99
C ALA A 126 3.05 18.58 8.97
N LEU A 127 3.51 17.67 9.79
CA LEU A 127 4.59 17.97 10.73
C LEU A 127 5.91 18.03 10.04
N LYS A 128 6.74 19.02 10.31
CA LYS A 128 8.06 19.10 9.70
C LYS A 128 9.01 18.07 10.33
N GLU A 129 10.14 17.80 9.69
CA GLU A 129 11.08 16.82 10.20
C GLU A 129 11.64 17.09 11.56
N ASP A 130 11.71 18.35 11.99
CA ASP A 130 12.17 18.64 13.36
C ASP A 130 11.13 18.29 14.45
N LEU A 131 9.91 17.99 14.02
CA LEU A 131 8.83 17.63 14.92
C LEU A 131 8.42 18.73 15.80
N ARG A 132 8.66 19.96 15.36
CA ARG A 132 8.36 21.12 16.23
C ARG A 132 7.42 22.07 15.55
N SER A 133 7.32 22.01 14.24
CA SER A 133 6.55 23.00 13.47
C SER A 133 5.78 22.29 12.38
N TRP A 134 4.90 23.03 11.75
CA TRP A 134 3.99 22.53 10.80
C TRP A 134 4.09 23.19 9.39
N THR A 135 3.76 22.46 8.37
CA THR A 135 3.59 22.94 6.99
C THR A 135 2.10 22.90 6.69
N ALA A 136 1.55 24.07 6.40
CA ALA A 136 0.14 24.25 6.04
C ALA A 136 0.08 24.63 4.53
N ALA A 137 -0.76 23.90 3.83
CA ALA A 137 -0.76 24.07 2.33
C ALA A 137 -1.55 25.24 1.81
N ASP A 138 -2.55 25.68 2.54
CA ASP A 138 -3.43 26.74 2.20
C ASP A 138 -3.94 27.53 3.40
N MET A 139 -4.82 28.47 3.22
CA MET A 139 -5.18 29.38 4.37
C MET A 139 -6.11 28.69 5.32
N ALA A 140 -6.85 27.63 4.99
CA ALA A 140 -7.58 26.86 5.95
C ALA A 140 -6.68 26.14 6.88
N ALA A 141 -5.68 25.49 6.31
CA ALA A 141 -4.68 24.78 7.09
C ALA A 141 -3.81 25.71 7.92
N GLN A 142 -3.64 26.97 7.46
N GLN A 142 -3.65 26.97 7.46
CA GLN A 142 -2.88 27.95 8.24
CA GLN A 142 -2.90 27.96 8.23
C GLN A 142 -3.66 28.30 9.52
C GLN A 142 -3.66 28.30 9.52
N THR A 143 -4.98 28.38 9.43
CA THR A 143 -5.77 28.58 10.68
C THR A 143 -5.60 27.34 11.58
N THR A 144 -5.66 26.15 11.04
CA THR A 144 -5.38 24.93 11.84
C THR A 144 -4.01 25.02 12.44
N LYS A 145 -2.98 25.37 11.73
CA LYS A 145 -1.65 25.51 12.27
C LYS A 145 -1.62 26.40 13.46
N HIS A 146 -2.19 27.59 13.38
CA HIS A 146 -2.19 28.46 14.55
C HIS A 146 -2.89 27.83 15.73
N LYS A 147 -3.98 27.15 15.52
CA LYS A 147 -4.70 26.45 16.64
C LYS A 147 -3.84 25.33 17.20
N TRP A 148 -3.16 24.55 16.39
CA TRP A 148 -2.36 23.45 16.88
C TRP A 148 -1.12 23.95 17.54
N GLU A 149 -0.57 25.09 17.15
CA GLU A 149 0.55 25.72 17.88
C GLU A 149 0.05 26.13 19.27
N ALA A 150 -1.13 26.75 19.37
CA ALA A 150 -1.59 27.16 20.70
C ALA A 150 -1.86 26.01 21.63
N ALA A 151 -2.22 24.89 21.12
CA ALA A 151 -2.57 23.68 21.86
C ALA A 151 -1.40 22.78 22.06
N HIS A 152 -0.22 23.15 21.56
CA HIS A 152 1.01 22.35 21.68
C HIS A 152 0.89 20.97 21.19
N VAL A 153 0.22 20.79 20.03
CA VAL A 153 0.08 19.47 19.44
C VAL A 153 1.38 18.87 19.04
N ALA A 154 2.34 19.66 18.52
CA ALA A 154 3.55 19.08 18.02
C ALA A 154 4.33 18.54 19.24
N GLU A 155 4.33 19.17 20.40
N GLU A 155 4.34 19.15 20.41
CA GLU A 155 5.06 18.65 21.57
CA GLU A 155 5.10 18.58 21.53
C GLU A 155 4.56 17.25 21.96
C GLU A 155 4.55 17.20 21.91
N GLN A 156 3.25 17.06 21.94
CA GLN A 156 2.65 15.81 22.31
C GLN A 156 2.97 14.76 21.28
N LEU A 157 2.89 15.06 19.96
N LEU A 157 2.82 15.17 20.07
CA LEU A 157 3.25 14.06 18.91
CA LEU A 157 2.98 14.29 19.04
C LEU A 157 4.69 13.75 18.94
C LEU A 157 4.49 13.84 18.97
N ARG A 158 5.50 14.73 19.14
CA ARG A 158 6.90 14.44 19.18
C ARG A 158 7.19 13.42 20.28
N ALA A 159 6.60 13.55 21.46
CA ALA A 159 6.84 12.62 22.53
C ALA A 159 6.36 11.22 22.11
N TYR A 160 5.24 11.10 21.42
CA TYR A 160 4.78 9.81 20.92
C TYR A 160 5.77 9.28 19.88
N LEU A 161 6.14 10.08 18.88
CA LEU A 161 6.92 9.58 17.69
C LEU A 161 8.31 9.23 18.13
N GLU A 162 8.91 9.87 19.11
CA GLU A 162 10.29 9.49 19.59
C GLU A 162 10.23 8.48 20.65
N GLY A 163 9.13 8.39 21.35
CA GLY A 163 9.04 7.58 22.58
C GLY A 163 8.24 6.34 22.24
N THR A 164 6.97 6.37 22.53
CA THR A 164 6.04 5.24 22.38
C THR A 164 6.20 4.56 21.05
N CYS A 165 6.23 5.26 19.97
CA CYS A 165 6.20 4.63 18.67
C CYS A 165 7.43 3.79 18.52
N VAL A 166 8.61 4.33 18.82
CA VAL A 166 9.82 3.53 18.76
C VAL A 166 9.81 2.34 19.71
N GLU A 167 9.38 2.56 20.94
N GLU A 167 9.39 2.54 20.97
CA GLU A 167 9.39 1.50 21.91
CA GLU A 167 9.44 1.44 21.93
C GLU A 167 8.54 0.32 21.49
C GLU A 167 8.53 0.29 21.50
N TRP A 168 7.35 0.62 21.01
CA TRP A 168 6.46 -0.49 20.54
C TRP A 168 6.87 -1.05 19.22
N LEU A 169 7.45 -0.27 18.33
CA LEU A 169 8.04 -0.86 17.14
C LEU A 169 9.06 -1.91 17.51
N ARG A 170 9.95 -1.60 18.46
CA ARG A 170 10.98 -2.51 18.84
C ARG A 170 10.39 -3.78 19.47
N ARG A 171 9.30 -3.59 20.28
CA ARG A 171 8.66 -4.75 20.88
C ARG A 171 8.08 -5.69 19.79
N TYR A 172 7.46 -5.10 18.79
CA TYR A 172 6.90 -5.87 17.63
C TYR A 172 8.00 -6.55 16.87
N LEU A 173 9.12 -5.91 16.63
CA LEU A 173 10.21 -6.51 15.85
C LEU A 173 10.72 -7.73 16.57
N GLU A 174 10.86 -7.65 17.90
N GLU A 174 10.87 -7.68 17.91
CA GLU A 174 11.29 -8.75 18.72
CA GLU A 174 11.32 -8.84 18.63
C GLU A 174 10.28 -9.88 18.72
C GLU A 174 10.25 -9.92 18.66
N ASN A 175 9.03 -9.55 19.00
CA ASN A 175 7.98 -10.56 19.10
C ASN A 175 7.71 -11.24 17.73
N GLY A 176 7.83 -10.47 16.66
CA GLY A 176 7.57 -10.94 15.30
C GLY A 176 8.84 -11.31 14.61
N LYS A 177 9.92 -11.58 15.29
N LYS A 177 9.90 -11.60 15.33
CA LYS A 177 11.22 -11.80 14.64
CA LYS A 177 11.21 -11.88 14.76
C LYS A 177 11.27 -12.88 13.52
C LYS A 177 11.15 -12.78 13.51
N GLU A 178 10.51 -13.95 13.66
CA GLU A 178 10.55 -15.01 12.64
C GLU A 178 10.19 -14.51 11.30
N THR A 179 9.31 -13.54 11.19
CA THR A 179 8.98 -12.93 9.92
C THR A 179 9.50 -11.53 9.76
N LEU A 180 9.31 -10.65 10.76
CA LEU A 180 9.66 -9.27 10.55
C LEU A 180 11.15 -9.04 10.40
N GLN A 181 11.97 -9.88 10.98
CA GLN A 181 13.44 -9.76 10.78
C GLN A 181 14.02 -10.66 9.70
N ARG A 182 13.13 -11.26 8.96
CA ARG A 182 13.55 -12.18 7.82
C ARG A 182 13.41 -11.40 6.53
N THR A 183 14.45 -11.39 5.73
CA THR A 183 14.32 -10.82 4.40
C THR A 183 14.13 -12.02 3.47
N ASP A 184 13.28 -11.84 2.49
CA ASP A 184 13.02 -12.89 1.46
C ASP A 184 13.54 -12.27 0.15
N ALA A 185 14.72 -12.78 -0.26
CA ALA A 185 15.29 -12.33 -1.50
C ALA A 185 14.44 -12.73 -2.70
N PRO A 186 14.42 -11.95 -3.73
CA PRO A 186 13.63 -12.30 -4.90
C PRO A 186 14.06 -13.62 -5.57
N LYS A 187 13.08 -14.41 -5.93
CA LYS A 187 13.27 -15.64 -6.76
C LYS A 187 13.11 -15.17 -8.16
N THR A 188 14.21 -15.25 -8.92
CA THR A 188 14.30 -14.62 -10.22
C THR A 188 14.47 -15.59 -11.35
N HIS A 189 13.86 -15.25 -12.49
CA HIS A 189 14.03 -16.03 -13.70
C HIS A 189 13.72 -15.16 -14.89
N MET A 190 14.19 -15.52 -16.06
N MET A 190 14.01 -15.68 -16.05
CA MET A 190 13.85 -14.82 -17.32
CA MET A 190 13.81 -14.99 -17.30
C MET A 190 13.06 -15.67 -18.26
C MET A 190 12.88 -15.78 -18.19
N THR A 191 12.11 -15.04 -18.94
CA THR A 191 11.36 -15.61 -20.03
C THR A 191 11.63 -14.90 -21.33
N HIS A 192 11.29 -15.57 -22.40
CA HIS A 192 11.56 -15.16 -23.76
C HIS A 192 10.31 -15.33 -24.59
N HIS A 193 10.09 -14.42 -25.51
N HIS A 193 9.87 -14.28 -25.27
CA HIS A 193 8.78 -14.31 -26.20
CA HIS A 193 8.82 -14.40 -26.34
C HIS A 193 9.04 -13.75 -27.60
C HIS A 193 9.27 -13.85 -27.65
N ALA A 194 8.99 -14.57 -28.67
CA ALA A 194 9.27 -14.11 -30.01
C ALA A 194 8.09 -13.40 -30.59
N VAL A 195 8.24 -12.09 -30.80
CA VAL A 195 7.30 -11.23 -31.49
C VAL A 195 7.19 -11.45 -33.04
N SER A 196 8.30 -11.58 -33.74
CA SER A 196 8.33 -11.75 -35.09
C SER A 196 9.57 -12.65 -35.30
N ASP A 197 10.00 -12.90 -36.50
CA ASP A 197 11.17 -13.68 -36.74
C ASP A 197 12.39 -12.86 -36.36
N HIS A 198 12.24 -11.54 -36.15
CA HIS A 198 13.40 -10.66 -36.00
C HIS A 198 13.49 -9.97 -34.67
N GLU A 199 12.48 -10.01 -33.81
CA GLU A 199 12.55 -9.32 -32.51
C GLU A 199 11.88 -10.17 -31.49
N ALA A 200 12.42 -10.09 -30.29
CA ALA A 200 11.98 -10.86 -29.18
C ALA A 200 11.86 -10.05 -27.91
N THR A 201 11.02 -10.41 -26.99
CA THR A 201 10.97 -9.80 -25.67
C THR A 201 11.60 -10.67 -24.62
N LEU A 202 12.49 -10.14 -23.84
CA LEU A 202 13.00 -10.78 -22.65
C LEU A 202 12.35 -10.16 -21.39
N ARG A 203 11.81 -10.99 -20.52
CA ARG A 203 11.16 -10.50 -19.28
C ARG A 203 11.91 -11.07 -18.10
N CYS A 204 12.32 -10.20 -17.23
N CYS A 204 12.34 -10.22 -17.22
CA CYS A 204 13.00 -10.55 -16.01
CA CYS A 204 13.03 -10.68 -16.04
C CYS A 204 11.94 -10.49 -14.90
C CYS A 204 12.11 -10.47 -14.84
N TRP A 205 11.85 -11.59 -14.18
CA TRP A 205 10.85 -11.70 -13.10
C TRP A 205 11.56 -11.78 -11.78
N ALA A 206 10.99 -11.06 -10.80
CA ALA A 206 11.34 -11.12 -9.37
C ALA A 206 10.05 -11.53 -8.59
N LEU A 207 10.13 -12.61 -7.91
CA LEU A 207 8.91 -13.15 -7.26
C LEU A 207 9.25 -13.41 -5.81
N SER A 208 8.21 -13.41 -4.99
CA SER A 208 8.17 -13.84 -3.64
C SER A 208 9.19 -13.11 -2.76
N PHE A 209 9.32 -11.81 -2.89
CA PHE A 209 10.29 -11.05 -2.13
C PHE A 209 9.67 -10.21 -1.03
N TYR A 210 10.49 -9.93 -0.04
CA TYR A 210 10.09 -9.03 1.08
C TYR A 210 11.35 -8.47 1.65
N PRO A 211 11.40 -7.15 1.89
CA PRO A 211 10.32 -6.13 1.69
C PRO A 211 10.08 -5.76 0.29
N ALA A 212 9.15 -4.84 0.04
CA ALA A 212 8.69 -4.50 -1.32
C ALA A 212 9.69 -3.73 -2.10
N GLU A 213 10.61 -2.97 -1.51
CA GLU A 213 11.62 -2.17 -2.20
C GLU A 213 12.51 -3.05 -3.07
N ILE A 214 12.61 -2.76 -4.31
CA ILE A 214 13.47 -3.56 -5.25
C ILE A 214 13.81 -2.70 -6.44
N THR A 215 14.96 -2.97 -7.05
CA THR A 215 15.30 -2.27 -8.34
C THR A 215 15.65 -3.31 -9.35
N LEU A 216 15.01 -3.23 -10.49
CA LEU A 216 15.30 -4.08 -11.69
C LEU A 216 15.77 -3.17 -12.77
N THR A 217 16.91 -3.48 -13.38
CA THR A 217 17.42 -2.63 -14.46
C THR A 217 17.98 -3.51 -15.59
N TRP A 218 17.77 -3.11 -16.82
CA TRP A 218 18.40 -3.79 -17.95
C TRP A 218 19.61 -3.07 -18.39
N GLN A 219 20.66 -3.81 -18.80
CA GLN A 219 21.87 -3.31 -19.43
C GLN A 219 22.06 -4.02 -20.78
N ARG A 220 22.60 -3.28 -21.75
CA ARG A 220 23.10 -3.85 -23.03
C ARG A 220 24.57 -3.63 -23.07
N ASP A 221 25.34 -4.71 -23.26
CA ASP A 221 26.79 -4.62 -23.26
C ASP A 221 27.33 -3.83 -22.07
N GLY A 222 26.64 -3.94 -20.96
CA GLY A 222 27.14 -3.33 -19.71
C GLY A 222 26.71 -1.91 -19.45
N GLU A 223 25.87 -1.34 -20.31
CA GLU A 223 25.37 0.01 -20.07
C GLU A 223 23.86 -0.01 -19.94
N ASP A 224 23.30 0.77 -19.01
CA ASP A 224 21.88 0.75 -18.70
C ASP A 224 21.13 1.14 -19.96
N GLN A 225 20.00 0.50 -20.10
CA GLN A 225 19.09 0.78 -21.24
C GLN A 225 17.73 0.98 -20.69
N THR A 226 17.09 2.06 -21.11
CA THR A 226 15.68 2.31 -20.81
C THR A 226 14.84 2.35 -22.10
N GLN A 227 15.44 2.65 -23.22
CA GLN A 227 14.62 2.51 -24.42
C GLN A 227 14.24 1.06 -24.70
N ASP A 228 13.02 0.91 -25.27
CA ASP A 228 12.49 -0.43 -25.58
C ASP A 228 12.36 -1.28 -24.36
N THR A 229 12.17 -0.67 -23.20
CA THR A 229 11.91 -1.38 -21.96
C THR A 229 10.53 -1.05 -21.35
N GLU A 230 10.13 -1.86 -20.41
N GLU A 230 10.00 -1.98 -20.58
CA GLU A 230 8.86 -1.73 -19.71
CA GLU A 230 8.79 -1.80 -19.76
C GLU A 230 8.99 -2.39 -18.35
C GLU A 230 9.13 -2.28 -18.33
N LEU A 231 8.46 -1.74 -17.31
CA LEU A 231 8.66 -2.08 -15.88
C LEU A 231 7.25 -2.01 -15.29
N VAL A 232 6.70 -3.06 -14.69
CA VAL A 232 5.41 -2.95 -13.97
C VAL A 232 5.62 -2.47 -12.57
N GLU A 233 4.61 -1.82 -12.00
N GLU A 233 4.63 -1.84 -11.98
CA GLU A 233 4.60 -1.45 -10.57
CA GLU A 233 4.74 -1.49 -10.59
C GLU A 233 4.69 -2.69 -9.71
C GLU A 233 4.72 -2.72 -9.72
N THR A 234 5.44 -2.62 -8.60
CA THR A 234 5.58 -3.72 -7.69
C THR A 234 4.18 -4.03 -7.11
N ARG A 235 3.86 -5.30 -6.97
CA ARG A 235 2.44 -5.72 -6.66
C ARG A 235 2.51 -6.81 -5.62
N PRO A 236 1.48 -6.86 -4.77
CA PRO A 236 1.49 -7.86 -3.74
C PRO A 236 1.09 -9.26 -4.24
N ALA A 237 1.72 -10.30 -3.79
CA ALA A 237 1.35 -11.68 -4.17
C ALA A 237 0.09 -12.10 -3.45
N GLY A 238 -0.17 -11.52 -2.30
CA GLY A 238 -1.30 -11.88 -1.41
C GLY A 238 -0.98 -12.78 -0.24
N ASP A 239 0.26 -13.31 -0.21
CA ASP A 239 0.81 -14.08 0.91
C ASP A 239 1.81 -13.29 1.72
N GLY A 240 1.85 -11.98 1.59
CA GLY A 240 2.77 -11.16 2.30
C GLY A 240 4.02 -10.76 1.56
N THR A 241 4.26 -11.38 0.40
CA THR A 241 5.43 -11.10 -0.45
C THR A 241 4.96 -10.28 -1.66
N PHE A 242 5.95 -9.91 -2.48
CA PHE A 242 5.76 -9.02 -3.60
C PHE A 242 6.35 -9.60 -4.90
N GLN A 243 5.89 -8.99 -5.99
CA GLN A 243 6.29 -9.41 -7.36
C GLN A 243 6.61 -8.18 -8.17
N LYS A 244 7.49 -8.36 -9.18
CA LYS A 244 7.75 -7.28 -10.15
C LYS A 244 8.38 -7.93 -11.39
N TRP A 245 8.19 -7.33 -12.53
CA TRP A 245 8.96 -7.73 -13.71
C TRP A 245 9.36 -6.51 -14.48
N ALA A 246 10.42 -6.72 -15.31
CA ALA A 246 10.94 -5.71 -16.26
C ALA A 246 11.19 -6.40 -17.56
N ALA A 247 10.96 -5.74 -18.65
CA ALA A 247 11.14 -6.38 -19.99
C ALA A 247 11.85 -5.45 -20.92
N VAL A 248 12.47 -6.10 -21.91
CA VAL A 248 13.18 -5.38 -22.96
C VAL A 248 12.89 -6.08 -24.27
N VAL A 249 12.81 -5.30 -25.32
CA VAL A 249 12.71 -5.83 -26.70
C VAL A 249 14.05 -5.77 -27.38
N VAL A 250 14.47 -6.90 -27.96
CA VAL A 250 15.82 -7.06 -28.51
C VAL A 250 15.77 -7.67 -29.90
N PRO A 251 16.79 -7.49 -30.72
CA PRO A 251 16.86 -8.18 -32.02
C PRO A 251 17.08 -9.66 -31.72
N SER A 252 16.22 -10.56 -32.19
N SER A 252 16.43 -10.48 -32.54
CA SER A 252 16.42 -12.00 -31.97
CA SER A 252 16.46 -11.93 -32.38
C SER A 252 17.79 -12.37 -32.50
C SER A 252 17.91 -12.35 -32.62
N GLY A 253 18.46 -13.21 -31.71
CA GLY A 253 19.82 -13.61 -31.87
C GLY A 253 20.79 -12.81 -31.05
N GLN A 254 20.41 -11.68 -30.49
CA GLN A 254 21.28 -10.81 -29.71
C GLN A 254 20.93 -10.84 -28.27
N GLU A 255 20.12 -11.79 -27.79
CA GLU A 255 19.71 -11.84 -26.40
C GLU A 255 20.89 -11.84 -25.42
N GLN A 256 21.99 -12.47 -25.76
CA GLN A 256 23.12 -12.59 -24.84
C GLN A 256 23.75 -11.27 -24.50
N ARG A 257 23.54 -10.20 -25.21
CA ARG A 257 24.10 -8.86 -24.90
C ARG A 257 23.44 -8.25 -23.70
N TYR A 258 22.26 -8.70 -23.36
CA TYR A 258 21.40 -8.04 -22.43
C TYR A 258 21.46 -8.68 -21.04
N THR A 259 21.52 -7.91 -19.99
CA THR A 259 21.54 -8.45 -18.64
C THR A 259 20.50 -7.71 -17.80
N CYS A 260 19.76 -8.48 -16.98
N CYS A 260 19.82 -8.43 -16.92
CA CYS A 260 18.90 -7.96 -15.95
CA CYS A 260 18.96 -7.79 -15.96
C CYS A 260 19.68 -7.86 -14.64
C CYS A 260 19.54 -7.88 -14.60
N HIS A 261 19.58 -6.73 -13.94
CA HIS A 261 20.24 -6.53 -12.64
C HIS A 261 19.23 -6.29 -11.55
N VAL A 262 19.34 -7.09 -10.48
CA VAL A 262 18.29 -7.05 -9.44
C VAL A 262 18.93 -6.66 -8.14
N GLN A 263 18.47 -5.60 -7.58
CA GLN A 263 18.94 -5.13 -6.27
C GLN A 263 17.86 -5.22 -5.23
N HIS A 264 18.18 -5.74 -4.06
CA HIS A 264 17.20 -5.99 -2.96
C HIS A 264 17.93 -6.16 -1.67
N GLU A 265 17.29 -5.76 -0.55
CA GLU A 265 17.93 -5.85 0.79
C GLU A 265 18.36 -7.28 1.08
N GLY A 266 17.68 -8.27 0.52
CA GLY A 266 17.87 -9.70 0.80
C GLY A 266 19.02 -10.31 0.01
N LEU A 267 19.66 -9.52 -0.87
CA LEU A 267 20.75 -9.94 -1.76
C LEU A 267 22.02 -9.22 -1.31
N PRO A 268 22.99 -9.94 -0.74
CA PRO A 268 24.27 -9.30 -0.37
C PRO A 268 24.98 -8.62 -1.54
N LYS A 269 24.90 -9.20 -2.74
CA LYS A 269 25.36 -8.57 -3.90
C LYS A 269 24.23 -8.61 -4.90
N PRO A 270 24.09 -7.59 -5.70
CA PRO A 270 23.05 -7.71 -6.77
C PRO A 270 23.20 -8.91 -7.72
N LEU A 271 22.06 -9.41 -8.19
CA LEU A 271 22.07 -10.55 -9.11
C LEU A 271 22.05 -10.06 -10.51
N THR A 272 22.64 -10.81 -11.44
CA THR A 272 22.70 -10.48 -12.85
C THR A 272 22.17 -11.69 -13.57
N LEU A 273 21.11 -11.52 -14.33
CA LEU A 273 20.56 -12.59 -15.17
C LEU A 273 20.81 -12.33 -16.65
N ARG A 274 21.02 -13.38 -17.43
CA ARG A 274 21.32 -13.33 -18.86
C ARG A 274 20.66 -14.52 -19.52
N TRP A 275 20.06 -14.30 -20.67
CA TRP A 275 19.51 -15.32 -21.47
C TRP A 275 20.66 -16.01 -22.19
N GLU A 276 21.04 -17.13 -21.64
CA GLU A 276 22.16 -17.96 -22.17
C GLU A 276 21.63 -19.17 -22.95
N PRO A 277 20.48 -19.75 -22.51
CA PRO A 277 19.61 -20.55 -23.37
C PRO A 277 19.45 -20.08 -24.84
N MET B 1 -12.91 17.98 -6.36
CA MET B 1 -11.43 17.82 -6.26
C MET B 1 -10.90 16.87 -7.35
N ILE B 2 -9.63 16.48 -7.16
CA ILE B 2 -8.86 15.59 -8.05
C ILE B 2 -9.57 14.28 -8.14
N GLN B 3 -9.82 13.79 -9.33
CA GLN B 3 -10.24 12.39 -9.44
C GLN B 3 -9.12 11.67 -10.17
N ARG B 4 -8.68 10.53 -9.65
CA ARG B 4 -7.56 9.77 -10.25
C ARG B 4 -8.07 8.40 -10.54
N THR B 5 -7.88 7.93 -11.81
CA THR B 5 -8.43 6.70 -12.24
C THR B 5 -7.51 5.54 -11.79
N PRO B 6 -8.13 4.43 -11.53
CA PRO B 6 -7.27 3.30 -11.11
C PRO B 6 -6.37 2.65 -12.15
N LYS B 7 -5.17 2.34 -11.74
CA LYS B 7 -4.30 1.39 -12.45
C LYS B 7 -4.72 -0.01 -11.99
N ILE B 8 -4.64 -0.96 -12.91
CA ILE B 8 -5.13 -2.32 -12.69
C ILE B 8 -4.11 -3.36 -13.16
N GLN B 9 -3.74 -4.30 -12.29
CA GLN B 9 -2.97 -5.47 -12.73
C GLN B 9 -3.77 -6.71 -12.34
N VAL B 10 -3.79 -7.71 -13.21
CA VAL B 10 -4.44 -8.99 -13.00
C VAL B 10 -3.41 -10.12 -13.20
N TYR B 11 -3.25 -10.93 -12.19
CA TYR B 11 -2.15 -11.87 -12.14
C TYR B 11 -2.40 -12.92 -11.14
N SER B 12 -1.64 -14.05 -11.24
CA SER B 12 -1.73 -15.12 -10.24
C SER B 12 -0.70 -15.01 -9.15
N ARG B 13 -0.99 -15.52 -7.98
CA ARG B 13 -0.04 -15.54 -6.89
C ARG B 13 1.18 -16.40 -7.29
N HIS B 14 0.94 -17.57 -7.84
CA HIS B 14 2.03 -18.54 -8.18
C HIS B 14 2.08 -18.74 -9.67
N PRO B 15 3.18 -19.18 -10.25
CA PRO B 15 3.21 -19.51 -11.66
C PRO B 15 2.08 -20.42 -12.02
N ALA B 16 1.37 -20.09 -13.11
CA ALA B 16 0.14 -20.79 -13.42
C ALA B 16 0.40 -22.12 -14.07
N GLU B 17 -0.23 -23.15 -13.58
CA GLU B 17 -0.08 -24.45 -14.19
C GLU B 17 -1.46 -25.00 -14.33
N ASN B 18 -1.83 -25.44 -15.52
CA ASN B 18 -3.17 -25.88 -15.74
C ASN B 18 -3.52 -27.00 -14.83
N GLY B 19 -4.67 -26.89 -14.16
CA GLY B 19 -5.15 -27.91 -13.25
C GLY B 19 -4.67 -27.85 -11.82
N LYS B 20 -3.80 -26.92 -11.50
CA LYS B 20 -3.27 -26.78 -10.18
C LYS B 20 -3.80 -25.57 -9.52
N SER B 21 -4.30 -25.73 -8.29
N SER B 21 -4.30 -25.69 -8.29
CA SER B 21 -4.89 -24.65 -7.54
CA SER B 21 -4.93 -24.59 -7.68
C SER B 21 -3.91 -23.47 -7.41
C SER B 21 -3.95 -23.47 -7.31
N ASN B 22 -4.47 -22.27 -7.32
CA ASN B 22 -3.71 -21.03 -7.29
C ASN B 22 -4.62 -19.92 -6.74
N PHE B 23 -4.19 -18.69 -6.80
CA PHE B 23 -4.95 -17.51 -6.42
C PHE B 23 -4.91 -16.50 -7.56
N LEU B 24 -6.06 -15.93 -7.88
CA LEU B 24 -6.14 -14.89 -8.87
C LEU B 24 -6.28 -13.53 -8.17
N ASN B 25 -5.47 -12.60 -8.58
CA ASN B 25 -5.34 -11.28 -7.97
C ASN B 25 -5.72 -10.23 -8.97
N CYS B 26 -6.43 -9.20 -8.48
CA CYS B 26 -6.66 -7.99 -9.17
C CYS B 26 -6.22 -6.82 -8.25
N TYR B 27 -5.14 -6.17 -8.57
CA TYR B 27 -4.55 -5.10 -7.76
C TYR B 27 -4.92 -3.81 -8.42
N VAL B 28 -5.69 -2.99 -7.67
CA VAL B 28 -6.11 -1.67 -8.19
C VAL B 28 -5.42 -0.60 -7.32
N SER B 29 -4.81 0.35 -7.96
CA SER B 29 -4.00 1.35 -7.22
C SER B 29 -4.10 2.70 -7.84
N GLY B 30 -3.60 3.74 -7.21
CA GLY B 30 -3.55 5.04 -7.74
C GLY B 30 -4.84 5.79 -7.89
N PHE B 31 -5.89 5.36 -7.21
CA PHE B 31 -7.20 5.98 -7.45
C PHE B 31 -7.65 6.89 -6.30
N HIS B 32 -8.55 7.83 -6.61
CA HIS B 32 -9.13 8.71 -5.63
C HIS B 32 -10.37 9.22 -6.26
N PRO B 33 -11.53 9.23 -5.60
CA PRO B 33 -11.75 8.88 -4.21
C PRO B 33 -11.80 7.34 -4.07
N SER B 34 -11.96 6.88 -2.82
CA SER B 34 -11.82 5.48 -2.47
C SER B 34 -12.96 4.55 -2.90
N ASP B 35 -14.14 5.00 -3.16
CA ASP B 35 -15.24 4.09 -3.49
C ASP B 35 -14.88 3.50 -4.88
N ILE B 36 -14.90 2.18 -4.99
CA ILE B 36 -14.59 1.51 -6.22
C ILE B 36 -15.33 0.17 -6.22
N GLU B 37 -15.64 -0.40 -7.42
CA GLU B 37 -16.28 -1.71 -7.45
C GLU B 37 -15.37 -2.58 -8.28
N VAL B 38 -14.98 -3.75 -7.79
CA VAL B 38 -14.03 -4.65 -8.46
C VAL B 38 -14.66 -6.05 -8.41
N ASP B 39 -14.79 -6.70 -9.57
CA ASP B 39 -15.21 -8.12 -9.60
C ASP B 39 -14.20 -8.90 -10.35
N LEU B 40 -14.05 -10.16 -9.97
CA LEU B 40 -13.26 -11.06 -10.78
C LEU B 40 -14.21 -11.89 -11.62
N LEU B 41 -13.84 -12.19 -12.86
CA LEU B 41 -14.72 -12.89 -13.77
C LEU B 41 -14.07 -14.13 -14.37
N LYS B 42 -14.88 -15.16 -14.56
CA LYS B 42 -14.48 -16.42 -15.17
C LYS B 42 -15.38 -16.62 -16.38
N ASN B 43 -14.82 -16.63 -17.58
CA ASN B 43 -15.63 -16.70 -18.81
C ASN B 43 -16.75 -15.69 -18.77
N GLY B 44 -16.37 -14.49 -18.36
CA GLY B 44 -17.28 -13.36 -18.29
C GLY B 44 -18.27 -13.28 -17.14
N GLU B 45 -18.36 -14.29 -16.32
CA GLU B 45 -19.31 -14.30 -15.22
C GLU B 45 -18.63 -13.99 -13.89
N ARG B 46 -19.32 -13.20 -13.08
CA ARG B 46 -18.79 -12.71 -11.82
C ARG B 46 -18.52 -13.88 -10.89
N ILE B 47 -17.31 -13.95 -10.32
CA ILE B 47 -16.98 -14.98 -9.31
C ILE B 47 -17.47 -14.55 -7.92
N GLU B 48 -18.07 -15.47 -7.18
CA GLU B 48 -18.75 -15.10 -5.94
C GLU B 48 -17.89 -14.95 -4.69
N LYS B 49 -16.89 -15.78 -4.49
CA LYS B 49 -16.25 -15.80 -3.16
C LYS B 49 -15.00 -14.88 -3.07
N VAL B 50 -15.09 -13.64 -3.57
CA VAL B 50 -13.88 -12.79 -3.75
C VAL B 50 -13.63 -11.99 -2.49
N GLU B 51 -12.37 -11.98 -2.04
CA GLU B 51 -11.98 -11.24 -0.81
C GLU B 51 -11.13 -10.05 -1.18
N HIS B 52 -10.98 -9.08 -0.29
CA HIS B 52 -10.13 -7.96 -0.59
C HIS B 52 -9.44 -7.45 0.68
N SER B 53 -8.34 -6.78 0.42
CA SER B 53 -7.52 -6.19 1.50
C SER B 53 -8.13 -4.98 2.08
N ASP B 54 -7.65 -4.58 3.27
CA ASP B 54 -8.10 -3.35 3.90
C ASP B 54 -7.52 -2.11 3.19
N LEU B 55 -8.37 -1.13 2.94
CA LEU B 55 -8.02 0.10 2.23
C LEU B 55 -6.85 0.80 2.87
N SER B 56 -5.84 1.08 2.08
CA SER B 56 -4.70 1.94 2.47
C SER B 56 -4.35 2.86 1.33
N PHE B 57 -3.28 3.64 1.53
CA PHE B 57 -2.96 4.65 0.58
C PHE B 57 -1.48 4.87 0.52
N SER B 58 -1.06 5.48 -0.58
CA SER B 58 0.34 5.73 -0.90
C SER B 58 0.72 7.13 -0.52
N LYS B 59 1.99 7.42 -0.82
CA LYS B 59 2.61 8.67 -0.45
C LYS B 59 1.89 9.89 -1.08
N ASP B 60 1.31 9.73 -2.25
CA ASP B 60 0.58 10.75 -2.92
C ASP B 60 -0.92 10.81 -2.56
N TRP B 61 -1.28 10.04 -1.56
CA TRP B 61 -2.65 9.94 -1.01
C TRP B 61 -3.57 9.03 -1.83
N SER B 62 -3.13 8.51 -2.92
CA SER B 62 -3.99 7.64 -3.71
C SER B 62 -4.15 6.26 -3.06
N PHE B 63 -5.30 5.65 -3.26
CA PHE B 63 -5.65 4.40 -2.65
C PHE B 63 -5.18 3.17 -3.36
N TYR B 64 -5.07 2.08 -2.66
CA TYR B 64 -4.80 0.79 -3.29
C TYR B 64 -5.55 -0.30 -2.52
N LEU B 65 -5.93 -1.36 -3.28
CA LEU B 65 -6.59 -2.52 -2.81
C LEU B 65 -6.17 -3.76 -3.61
N LEU B 66 -6.14 -4.91 -2.96
CA LEU B 66 -6.00 -6.22 -3.61
C LEU B 66 -7.30 -6.98 -3.45
N TYR B 67 -7.87 -7.40 -4.57
CA TYR B 67 -8.98 -8.35 -4.63
C TYR B 67 -8.41 -9.74 -5.04
N TYR B 68 -8.91 -10.80 -4.46
CA TYR B 68 -8.34 -12.10 -4.81
C TYR B 68 -9.30 -13.20 -4.53
N THR B 69 -9.05 -14.34 -5.18
CA THR B 69 -9.80 -15.53 -4.95
C THR B 69 -8.98 -16.76 -5.33
N GLU B 70 -9.28 -17.88 -4.71
CA GLU B 70 -8.79 -19.16 -5.17
C GLU B 70 -9.29 -19.50 -6.56
N PHE B 71 -8.44 -20.08 -7.39
CA PHE B 71 -8.89 -20.53 -8.68
C PHE B 71 -7.99 -21.65 -9.21
N THR B 72 -8.43 -22.36 -10.19
CA THR B 72 -7.67 -23.40 -10.81
C THR B 72 -7.59 -23.10 -12.26
N PRO B 73 -6.51 -22.57 -12.78
CA PRO B 73 -6.43 -22.30 -14.20
C PRO B 73 -6.48 -23.52 -15.08
N THR B 74 -6.96 -23.29 -16.33
CA THR B 74 -7.04 -24.34 -17.37
C THR B 74 -6.62 -23.70 -18.68
N GLU B 75 -6.52 -24.54 -19.72
CA GLU B 75 -6.13 -24.04 -21.00
C GLU B 75 -7.30 -23.25 -21.56
N LYS B 76 -8.55 -23.59 -21.22
CA LYS B 76 -9.71 -22.98 -21.90
C LYS B 76 -10.36 -21.82 -21.18
N ASP B 77 -10.29 -21.79 -19.85
CA ASP B 77 -11.05 -20.77 -19.11
C ASP B 77 -10.36 -19.42 -19.17
N GLU B 78 -11.17 -18.37 -19.33
CA GLU B 78 -10.65 -17.02 -19.40
C GLU B 78 -11.04 -16.32 -18.13
N TYR B 79 -10.08 -15.57 -17.62
CA TYR B 79 -10.28 -14.83 -16.37
C TYR B 79 -10.02 -13.36 -16.62
N ALA B 80 -10.64 -12.51 -15.82
CA ALA B 80 -10.45 -11.08 -15.95
C ALA B 80 -10.88 -10.40 -14.66
N CYS B 81 -10.60 -9.10 -14.62
CA CYS B 81 -11.00 -8.23 -13.53
C CYS B 81 -11.83 -7.10 -14.14
N ARG B 82 -12.97 -6.73 -13.53
CA ARG B 82 -13.81 -5.65 -14.03
C ARG B 82 -13.88 -4.56 -12.95
N VAL B 83 -13.54 -3.32 -13.32
CA VAL B 83 -13.44 -2.25 -12.34
C VAL B 83 -14.35 -1.13 -12.71
N ASN B 84 -15.12 -0.59 -11.76
CA ASN B 84 -15.83 0.67 -12.02
C ASN B 84 -15.44 1.67 -10.93
N HIS B 85 -15.45 2.93 -11.34
CA HIS B 85 -14.96 3.99 -10.45
C HIS B 85 -15.58 5.22 -11.06
N VAL B 86 -15.78 6.27 -10.23
CA VAL B 86 -16.39 7.51 -10.74
C VAL B 86 -15.66 8.06 -12.00
N THR B 87 -14.36 7.84 -12.09
CA THR B 87 -13.56 8.24 -13.26
C THR B 87 -13.78 7.49 -14.59
N LEU B 88 -14.53 6.39 -14.55
CA LEU B 88 -14.79 5.52 -15.73
C LEU B 88 -16.27 5.61 -16.12
N SER B 89 -16.47 5.74 -17.42
CA SER B 89 -17.79 5.93 -18.03
C SER B 89 -18.52 4.62 -18.13
N GLN B 90 -17.72 3.56 -18.16
CA GLN B 90 -18.23 2.22 -18.17
C GLN B 90 -17.18 1.38 -17.46
N PRO B 91 -17.61 0.22 -16.95
CA PRO B 91 -16.63 -0.64 -16.28
C PRO B 91 -15.45 -1.01 -17.19
N LYS B 92 -14.25 -1.10 -16.63
CA LYS B 92 -13.07 -1.45 -17.41
C LYS B 92 -12.78 -2.93 -17.13
N ILE B 93 -12.55 -3.71 -18.20
CA ILE B 93 -12.18 -5.13 -18.08
C ILE B 93 -10.74 -5.33 -18.53
N VAL B 94 -9.91 -5.89 -17.65
CA VAL B 94 -8.57 -6.30 -17.95
C VAL B 94 -8.49 -7.84 -17.82
N LYS B 95 -8.13 -8.46 -18.96
CA LYS B 95 -7.97 -9.91 -19.03
C LYS B 95 -6.67 -10.35 -18.35
N TRP B 96 -6.75 -11.50 -17.70
CA TRP B 96 -5.55 -12.17 -17.21
C TRP B 96 -4.71 -12.79 -18.29
N ASP B 97 -3.46 -12.38 -18.37
CA ASP B 97 -2.45 -13.02 -19.21
C ASP B 97 -1.43 -13.65 -18.29
N ARG B 98 -1.22 -14.96 -18.41
CA ARG B 98 -0.42 -15.69 -17.37
C ARG B 98 1.06 -15.38 -17.45
N ASP B 99 1.48 -14.68 -18.49
CA ASP B 99 2.87 -14.29 -18.68
C ASP B 99 3.16 -12.87 -18.24
N MET B 100 2.16 -12.20 -17.66
CA MET B 100 2.28 -10.81 -17.19
C MET B 100 2.01 -10.53 -15.69
N MET C 1 1.58 0.59 18.46
CA MET C 1 0.59 1.27 19.31
C MET C 1 0.21 2.61 18.70
N VAL C 2 -1.09 2.93 18.57
CA VAL C 2 -1.53 4.18 18.07
C VAL C 2 -1.36 5.34 18.99
N TRP C 3 -1.35 6.54 18.43
CA TRP C 3 -1.24 7.73 19.24
C TRP C 3 -2.48 7.99 20.07
N GLY C 4 -2.32 8.39 21.31
CA GLY C 4 -3.44 8.74 22.15
C GLY C 4 -3.11 9.97 22.99
N PRO C 5 -4.08 10.42 23.73
CA PRO C 5 -5.38 9.77 23.89
C PRO C 5 -6.39 10.10 22.81
N ASP C 6 -6.23 11.27 22.17
CA ASP C 6 -7.36 11.83 21.34
C ASP C 6 -6.80 12.94 20.46
N PRO C 7 -6.68 12.67 19.17
CA PRO C 7 -6.10 13.68 18.27
C PRO C 7 -6.93 14.94 18.17
N LEU C 8 -6.25 16.12 18.26
CA LEU C 8 -7.01 17.38 18.17
C LEU C 8 -7.62 17.56 16.77
N TYR C 9 -8.81 18.06 16.79
CA TYR C 9 -9.51 18.46 15.55
C TYR C 9 -8.86 19.66 14.85
N VAL C 10 -9.09 19.73 13.54
CA VAL C 10 -8.59 20.85 12.69
C VAL C 10 -9.32 22.20 12.83
#